data_6W8L
#
_entry.id   6W8L
#
_cell.length_a   45.920
_cell.length_b   88.830
_cell.length_c   146.760
_cell.angle_alpha   90.000
_cell.angle_beta   90.000
_cell.angle_gamma   90.000
#
_symmetry.space_group_name_H-M   'C 2 2 21'
#
loop_
_entity.id
_entity.type
_entity.pdbx_description
1 polymer 'Tyrosine-protein kinase JAK1'
2 non-polymer N-[(1S,5R)-3-(5-fluoro-2-{[1-(2-hydroxyethyl)-1H-pyrazol-4-yl]amino}pyrimidin-4-yl)-3-azabicyclo[3.1.0]hexan-1-yl]cyclopropanecarboxamide
3 water water
#
_entity_poly.entity_id   1
_entity_poly.type   'polypeptide(L)'
_entity_poly.pdbx_seq_one_letter_code
;GSIMRDINKLEEQNPDIVSEKKPATEVDPTHFEKRFLKRIRDLGEGHFGKVELCRYDPEGDNTGEQVAVKSLKPESGGNH
IADLKKEIEILRNLYHENIVKYKGICTEDGGNGIKLIMEFLPSGSLKEYLPKNKNKINLKQQLKYAVQICKGMDYLGSRQ
YVHRDLAARNVLVESEHQVKIGDFGLTKAIETDKE(PTR)(PTR)TVKDDRDSPVFWYAPECLMQSKFYIASDVWSFGVT
LHELLTYCDSDSSPMALFLKMIGPTHGQMTVTRLVNTLKEGKRLPCPPNCPDEVYQLMRKCWEFQPSNRTSFQNLIEGFE
ALLK
;
_entity_poly.pdbx_strand_id   A
#
# COMPACT_ATOMS: atom_id res chain seq x y z
N PRO A 29 13.78 -15.82 -19.34
CA PRO A 29 12.52 -15.77 -18.58
C PRO A 29 12.38 -14.55 -17.66
N THR A 30 13.42 -14.23 -16.88
CA THR A 30 13.44 -13.09 -15.96
C THR A 30 14.19 -11.86 -16.51
N HIS A 31 14.77 -11.96 -17.73
CA HIS A 31 15.45 -10.80 -18.32
C HIS A 31 14.68 -10.22 -19.50
N PHE A 32 14.44 -8.90 -19.43
CA PHE A 32 13.71 -8.12 -20.41
C PHE A 32 14.62 -7.05 -21.03
N GLU A 33 14.75 -7.09 -22.38
CA GLU A 33 15.55 -6.15 -23.18
C GLU A 33 14.78 -4.82 -23.31
N LYS A 34 15.45 -3.68 -23.02
CA LYS A 34 14.86 -2.32 -23.08
C LYS A 34 14.20 -1.99 -24.44
N ARG A 35 14.84 -2.43 -25.53
CA ARG A 35 14.42 -2.19 -26.91
C ARG A 35 13.06 -2.80 -27.25
N PHE A 36 12.68 -3.88 -26.52
CA PHE A 36 11.42 -4.59 -26.70
C PHE A 36 10.32 -4.10 -25.79
N LEU A 37 10.68 -3.27 -24.79
CA LEU A 37 9.71 -2.70 -23.85
C LEU A 37 9.04 -1.48 -24.49
N LYS A 38 7.91 -1.71 -25.14
CA LYS A 38 7.24 -0.66 -25.88
C LYS A 38 6.30 0.15 -25.00
N ARG A 39 6.70 1.39 -24.67
CA ARG A 39 5.92 2.27 -23.77
C ARG A 39 4.55 2.58 -24.34
N ILE A 40 3.50 2.42 -23.51
CA ILE A 40 2.10 2.69 -23.87
C ILE A 40 1.57 3.96 -23.14
N ARG A 41 1.65 3.97 -21.78
CA ARG A 41 1.21 5.07 -20.92
C ARG A 41 1.81 5.02 -19.50
N ASP A 42 1.72 6.15 -18.76
CA ASP A 42 2.16 6.23 -17.37
C ASP A 42 1.10 5.61 -16.46
N LEU A 43 1.53 4.83 -15.45
CA LEU A 43 0.64 4.19 -14.47
C LEU A 43 0.69 4.85 -13.09
N GLY A 44 1.86 5.32 -12.70
CA GLY A 44 2.06 5.98 -11.42
C GLY A 44 3.39 6.71 -11.38
N GLU A 45 3.50 7.68 -10.48
CA GLU A 45 4.70 8.49 -10.33
C GLU A 45 4.93 8.86 -8.88
N GLY A 46 6.18 8.75 -8.45
CA GLY A 46 6.63 9.15 -7.13
C GLY A 46 7.54 10.37 -7.24
N HIS A 47 8.42 10.56 -6.25
CA HIS A 47 9.38 11.67 -6.26
C HIS A 47 10.56 11.37 -7.21
N PHE A 48 11.09 10.14 -7.15
CA PHE A 48 12.24 9.71 -7.94
C PHE A 48 11.96 8.47 -8.81
N GLY A 49 10.75 7.94 -8.71
CA GLY A 49 10.34 6.75 -9.45
C GLY A 49 9.07 6.95 -10.24
N LYS A 50 8.91 6.13 -11.31
CA LYS A 50 7.75 6.11 -12.18
C LYS A 50 7.42 4.69 -12.62
N VAL A 51 6.12 4.40 -12.81
CA VAL A 51 5.69 3.10 -13.30
C VAL A 51 4.95 3.32 -14.62
N GLU A 52 5.42 2.64 -15.68
CA GLU A 52 4.82 2.75 -17.01
C GLU A 52 4.27 1.42 -17.49
N LEU A 53 3.16 1.47 -18.23
CA LEU A 53 2.59 0.32 -18.92
C LEU A 53 3.41 0.14 -20.17
N CYS A 54 3.94 -1.06 -20.36
CA CYS A 54 4.73 -1.43 -21.54
C CYS A 54 4.20 -2.72 -22.14
N ARG A 55 4.51 -2.93 -23.42
CA ARG A 55 4.22 -4.18 -24.09
C ARG A 55 5.60 -4.74 -24.42
N TYR A 56 5.94 -5.91 -23.85
CA TYR A 56 7.20 -6.58 -24.14
C TYR A 56 6.94 -7.41 -25.37
N ASP A 57 7.38 -6.90 -26.52
CA ASP A 57 7.10 -7.52 -27.79
C ASP A 57 8.34 -7.94 -28.59
N PRO A 58 9.08 -9.01 -28.16
CA PRO A 58 10.28 -9.44 -28.89
C PRO A 58 10.05 -9.95 -30.30
N GLU A 59 8.84 -10.46 -30.59
CA GLU A 59 8.51 -10.95 -31.94
C GLU A 59 8.26 -9.83 -32.96
N GLY A 60 7.97 -8.62 -32.46
CA GLY A 60 7.72 -7.43 -33.27
C GLY A 60 6.39 -7.44 -34.00
N ASP A 61 5.41 -8.23 -33.50
CA ASP A 61 4.08 -8.38 -34.13
C ASP A 61 2.93 -7.85 -33.29
N ASN A 62 3.25 -7.09 -32.23
CA ASN A 62 2.34 -6.47 -31.24
C ASN A 62 1.48 -7.51 -30.47
N THR A 63 2.02 -8.74 -30.25
CA THR A 63 1.30 -9.85 -29.56
C THR A 63 1.85 -10.16 -28.16
N GLY A 64 2.99 -9.59 -27.82
CA GLY A 64 3.60 -9.78 -26.50
C GLY A 64 2.73 -9.28 -25.37
N GLU A 65 3.04 -9.73 -24.12
CA GLU A 65 2.25 -9.35 -22.98
C GLU A 65 2.57 -7.95 -22.44
N GLN A 66 1.53 -7.32 -21.87
CA GLN A 66 1.58 -6.03 -21.22
C GLN A 66 2.17 -6.24 -19.83
N VAL A 67 3.11 -5.38 -19.43
CA VAL A 67 3.84 -5.46 -18.15
C VAL A 67 3.91 -4.06 -17.49
N ALA A 68 4.07 -4.01 -16.16
CA ALA A 68 4.26 -2.75 -15.42
C ALA A 68 5.77 -2.59 -15.22
N VAL A 69 6.34 -1.45 -15.62
CA VAL A 69 7.78 -1.21 -15.59
C VAL A 69 8.13 -0.07 -14.63
N LYS A 70 8.88 -0.40 -13.58
CA LYS A 70 9.27 0.58 -12.58
C LYS A 70 10.67 1.10 -12.86
N SER A 71 10.76 2.39 -13.17
CA SER A 71 12.06 3.02 -13.44
C SER A 71 12.29 4.29 -12.61
N LEU A 72 13.48 4.86 -12.76
CA LEU A 72 13.88 6.06 -12.06
C LEU A 72 13.81 7.27 -12.97
N LYS A 73 13.22 8.36 -12.47
CA LYS A 73 13.11 9.64 -13.18
C LYS A 73 14.51 10.19 -13.45
N ASN A 79 22.27 6.65 -3.63
CA ASN A 79 21.52 6.79 -4.88
C ASN A 79 20.19 6.05 -4.83
N HIS A 80 19.30 6.41 -5.77
CA HIS A 80 17.98 5.80 -5.91
C HIS A 80 18.07 4.44 -6.60
N ILE A 81 19.22 4.15 -7.25
CA ILE A 81 19.51 2.88 -7.92
C ILE A 81 19.64 1.82 -6.84
N ALA A 82 20.39 2.14 -5.76
CA ALA A 82 20.61 1.25 -4.61
C ALA A 82 19.28 0.84 -4.00
N ASP A 83 18.32 1.81 -3.87
CA ASP A 83 16.98 1.57 -3.32
C ASP A 83 16.15 0.65 -4.21
N LEU A 84 16.17 0.92 -5.53
CA LEU A 84 15.40 0.15 -6.50
C LEU A 84 15.90 -1.29 -6.55
N LYS A 85 17.22 -1.50 -6.45
CA LYS A 85 17.83 -2.82 -6.42
C LYS A 85 17.34 -3.60 -5.17
N LYS A 86 17.23 -2.92 -4.00
CA LYS A 86 16.73 -3.47 -2.73
C LYS A 86 15.25 -3.85 -2.89
N GLU A 87 14.45 -3.00 -3.57
CA GLU A 87 13.03 -3.22 -3.85
C GLU A 87 12.82 -4.46 -4.74
N ILE A 88 13.70 -4.62 -5.76
CA ILE A 88 13.70 -5.77 -6.69
C ILE A 88 13.88 -7.08 -5.91
N GLU A 89 14.92 -7.13 -5.06
CA GLU A 89 15.29 -8.22 -4.16
C GLU A 89 14.12 -8.63 -3.21
N ILE A 90 13.38 -7.64 -2.67
CA ILE A 90 12.22 -7.89 -1.80
C ILE A 90 11.11 -8.60 -2.62
N LEU A 91 10.70 -7.98 -3.75
CA LEU A 91 9.60 -8.46 -4.59
C LEU A 91 9.88 -9.83 -5.23
N ARG A 92 11.14 -10.11 -5.56
CA ARG A 92 11.63 -11.37 -6.13
C ARG A 92 11.36 -12.49 -5.10
N ASN A 93 11.61 -12.19 -3.80
CA ASN A 93 11.43 -13.03 -2.61
C ASN A 93 9.94 -13.13 -2.12
N LEU A 94 9.00 -12.40 -2.73
CA LEU A 94 7.58 -12.44 -2.34
C LEU A 94 6.79 -13.20 -3.40
N TYR A 95 5.99 -14.19 -2.98
CA TYR A 95 5.19 -15.00 -3.90
C TYR A 95 3.88 -15.27 -3.19
N HIS A 96 2.82 -14.53 -3.57
CA HIS A 96 1.52 -14.65 -2.89
C HIS A 96 0.40 -14.14 -3.80
N GLU A 97 -0.77 -14.74 -3.67
CA GLU A 97 -1.98 -14.44 -4.43
C GLU A 97 -2.39 -12.97 -4.35
N ASN A 98 -2.11 -12.29 -3.23
CA ASN A 98 -2.47 -10.88 -3.06
C ASN A 98 -1.26 -9.98 -3.00
N ILE A 99 -0.23 -10.33 -3.76
CA ILE A 99 1.01 -9.56 -3.90
C ILE A 99 1.31 -9.57 -5.38
N VAL A 100 1.49 -8.35 -5.95
CA VAL A 100 1.82 -8.12 -7.36
C VAL A 100 3.02 -9.01 -7.75
N LYS A 101 2.84 -9.76 -8.83
CA LYS A 101 3.81 -10.72 -9.31
C LYS A 101 5.08 -10.10 -9.90
N TYR A 102 6.24 -10.51 -9.38
CA TYR A 102 7.52 -10.12 -9.93
C TYR A 102 7.66 -10.88 -11.24
N LYS A 103 8.11 -10.20 -12.31
CA LYS A 103 8.32 -10.85 -13.61
C LYS A 103 9.80 -10.93 -13.94
N GLY A 104 10.53 -9.85 -13.71
CA GLY A 104 11.96 -9.80 -13.96
C GLY A 104 12.58 -8.42 -13.91
N ILE A 105 13.72 -8.25 -14.61
CA ILE A 105 14.45 -6.98 -14.62
C ILE A 105 14.87 -6.56 -16.04
N CYS A 106 15.17 -5.27 -16.18
CA CYS A 106 15.63 -4.65 -17.40
C CYS A 106 16.83 -3.79 -17.02
N THR A 107 18.04 -4.25 -17.41
CA THR A 107 19.30 -3.58 -17.11
C THR A 107 19.75 -2.67 -18.26
N GLU A 108 20.05 -1.40 -17.95
CA GLU A 108 20.50 -0.38 -18.90
C GLU A 108 22.01 -0.17 -18.79
N ASN A 112 24.52 0.11 -15.82
CA ASN A 112 24.40 0.75 -14.51
C ASN A 112 22.94 0.91 -14.04
N GLY A 113 22.07 1.31 -14.98
CA GLY A 113 20.65 1.51 -14.72
C GLY A 113 19.88 0.21 -14.64
N ILE A 114 18.72 0.25 -13.97
CA ILE A 114 17.87 -0.93 -13.79
C ILE A 114 16.37 -0.53 -13.74
N LYS A 115 15.51 -1.46 -14.19
CA LYS A 115 14.05 -1.34 -14.21
C LYS A 115 13.48 -2.64 -13.66
N LEU A 116 12.43 -2.51 -12.84
CA LEU A 116 11.70 -3.63 -12.24
C LEU A 116 10.51 -3.95 -13.14
N ILE A 117 10.35 -5.24 -13.49
CA ILE A 117 9.28 -5.72 -14.38
C ILE A 117 8.29 -6.53 -13.58
N MET A 118 7.04 -6.07 -13.61
CA MET A 118 5.95 -6.69 -12.86
C MET A 118 4.78 -6.97 -13.77
N GLU A 119 3.79 -7.72 -13.27
CA GLU A 119 2.58 -7.95 -14.05
C GLU A 119 1.77 -6.65 -14.01
N PHE A 120 0.94 -6.45 -15.01
CA PHE A 120 0.08 -5.31 -15.17
C PHE A 120 -1.33 -5.69 -14.74
N LEU A 121 -1.91 -4.92 -13.81
CA LEU A 121 -3.29 -5.13 -13.32
C LEU A 121 -4.13 -4.04 -13.96
N PRO A 122 -4.92 -4.41 -14.98
CA PRO A 122 -5.60 -3.38 -15.80
C PRO A 122 -6.56 -2.43 -15.11
N SER A 123 -7.17 -2.83 -13.98
CA SER A 123 -8.15 -1.96 -13.32
C SER A 123 -7.53 -0.90 -12.42
N GLY A 124 -6.23 -0.96 -12.23
CA GLY A 124 -5.52 0.03 -11.44
C GLY A 124 -5.74 -0.03 -9.95
N SER A 125 -5.40 1.05 -9.26
CA SER A 125 -5.55 1.05 -7.81
C SER A 125 -6.99 1.24 -7.33
N LEU A 126 -7.25 0.91 -6.05
CA LEU A 126 -8.53 1.12 -5.36
C LEU A 126 -8.87 2.60 -5.36
N LYS A 127 -7.84 3.46 -5.22
CA LYS A 127 -7.96 4.94 -5.22
C LYS A 127 -8.64 5.44 -6.50
N GLU A 128 -8.42 4.77 -7.64
CA GLU A 128 -9.00 5.06 -8.94
C GLU A 128 -10.24 4.20 -9.24
N TYR A 129 -10.20 2.92 -8.87
CA TYR A 129 -11.27 1.97 -9.13
C TYR A 129 -12.56 2.21 -8.33
N LEU A 130 -12.45 2.51 -7.02
CA LEU A 130 -13.63 2.64 -6.15
C LEU A 130 -14.57 3.84 -6.46
N PRO A 131 -14.12 5.10 -6.69
CA PRO A 131 -15.07 6.17 -7.03
C PRO A 131 -15.91 5.96 -8.32
N LYS A 132 -15.48 5.04 -9.20
CA LYS A 132 -16.12 4.71 -10.48
C LYS A 132 -16.99 3.46 -10.40
N ASN A 133 -16.92 2.73 -9.28
CA ASN A 133 -17.68 1.47 -9.08
C ASN A 133 -18.48 1.45 -7.77
N LYS A 134 -18.88 2.62 -7.27
CA LYS A 134 -19.69 2.82 -6.06
C LYS A 134 -21.00 1.99 -6.03
N ASN A 135 -21.63 1.73 -7.20
CA ASN A 135 -22.86 0.92 -7.26
C ASN A 135 -22.61 -0.56 -7.53
N LYS A 136 -21.36 -0.92 -7.84
CA LYS A 136 -20.98 -2.29 -8.14
C LYS A 136 -20.45 -2.99 -6.88
N ILE A 137 -19.63 -2.28 -6.09
CA ILE A 137 -18.96 -2.78 -4.89
C ILE A 137 -19.80 -2.49 -3.66
N ASN A 138 -20.37 -3.54 -3.05
CA ASN A 138 -21.17 -3.45 -1.83
C ASN A 138 -20.23 -3.74 -0.66
N LEU A 139 -20.77 -3.75 0.58
CA LEU A 139 -20.00 -4.00 1.79
C LEU A 139 -19.35 -5.39 1.81
N LYS A 140 -20.09 -6.42 1.36
CA LYS A 140 -19.56 -7.78 1.27
C LYS A 140 -18.23 -7.81 0.47
N GLN A 141 -18.18 -7.15 -0.73
CA GLN A 141 -17.01 -7.11 -1.61
C GLN A 141 -15.84 -6.30 -1.01
N GLN A 142 -16.15 -5.23 -0.27
CA GLN A 142 -15.16 -4.42 0.44
C GLN A 142 -14.47 -5.24 1.54
N LEU A 143 -15.25 -6.10 2.25
CA LEU A 143 -14.72 -6.97 3.29
C LEU A 143 -13.88 -8.08 2.69
N LYS A 144 -14.27 -8.59 1.50
CA LYS A 144 -13.45 -9.60 0.81
C LYS A 144 -12.10 -8.98 0.40
N TYR A 145 -12.08 -7.66 0.00
CA TYR A 145 -10.85 -6.95 -0.32
C TYR A 145 -9.98 -6.78 0.94
N ALA A 146 -10.62 -6.43 2.09
CA ALA A 146 -9.93 -6.26 3.39
C ALA A 146 -9.26 -7.58 3.80
N VAL A 147 -9.97 -8.74 3.67
CA VAL A 147 -9.41 -10.07 3.95
C VAL A 147 -8.14 -10.30 3.08
N GLN A 148 -8.24 -9.98 1.78
CA GLN A 148 -7.19 -10.12 0.77
C GLN A 148 -5.96 -9.28 1.09
N ILE A 149 -6.15 -7.99 1.43
CA ILE A 149 -5.08 -7.11 1.86
C ILE A 149 -4.38 -7.71 3.11
N CYS A 150 -5.18 -8.15 4.12
CA CYS A 150 -4.67 -8.73 5.37
C CYS A 150 -3.90 -10.02 5.16
N LYS A 151 -4.34 -10.88 4.24
CA LYS A 151 -3.63 -12.10 3.86
C LYS A 151 -2.29 -11.75 3.21
N GLY A 152 -2.29 -10.79 2.28
CA GLY A 152 -1.08 -10.32 1.64
C GLY A 152 -0.09 -9.72 2.65
N MET A 153 -0.61 -8.91 3.59
CA MET A 153 0.17 -8.27 4.67
C MET A 153 0.70 -9.28 5.71
N ASP A 154 -0.12 -10.27 6.09
CA ASP A 154 0.30 -11.32 7.01
C ASP A 154 1.50 -12.14 6.44
N TYR A 155 1.44 -12.44 5.14
CA TYR A 155 2.51 -13.13 4.43
C TYR A 155 3.78 -12.23 4.43
N LEU A 156 3.63 -10.92 4.14
CA LEU A 156 4.73 -9.95 4.17
C LEU A 156 5.43 -9.94 5.54
N GLY A 157 4.66 -9.89 6.61
CA GLY A 157 5.14 -9.95 7.99
C GLY A 157 5.85 -11.26 8.32
N SER A 158 5.34 -12.39 7.78
CA SER A 158 5.94 -13.71 8.01
C SER A 158 7.34 -13.77 7.40
N ARG A 159 7.59 -12.95 6.35
CA ARG A 159 8.90 -12.81 5.71
C ARG A 159 9.79 -11.77 6.43
N GLN A 160 9.31 -11.23 7.59
CA GLN A 160 10.02 -10.24 8.42
C GLN A 160 10.16 -8.86 7.73
N TYR A 161 9.17 -8.50 6.91
CA TYR A 161 9.17 -7.20 6.26
C TYR A 161 8.14 -6.26 6.87
N VAL A 162 8.44 -4.97 6.81
CA VAL A 162 7.54 -3.87 7.17
C VAL A 162 7.36 -3.06 5.89
N HIS A 163 6.11 -2.97 5.39
CA HIS A 163 5.78 -2.30 4.14
C HIS A 163 6.02 -0.78 4.18
N ARG A 164 5.49 -0.10 5.23
CA ARG A 164 5.65 1.33 5.50
C ARG A 164 4.89 2.24 4.52
N ASP A 165 4.09 1.69 3.59
CA ASP A 165 3.37 2.53 2.64
C ASP A 165 2.03 1.93 2.26
N LEU A 166 1.37 1.29 3.22
CA LEU A 166 0.07 0.67 2.98
C LEU A 166 -1.03 1.75 2.92
N ALA A 167 -1.51 2.01 1.70
CA ALA A 167 -2.52 3.01 1.38
C ALA A 167 -3.29 2.43 0.21
N ALA A 168 -4.53 2.89 -0.01
CA ALA A 168 -5.39 2.43 -1.13
C ALA A 168 -4.73 2.62 -2.52
N ARG A 169 -3.94 3.70 -2.68
CA ARG A 169 -3.22 3.98 -3.92
C ARG A 169 -2.23 2.83 -4.28
N ASN A 170 -1.84 2.00 -3.28
CA ASN A 170 -0.91 0.88 -3.47
C ASN A 170 -1.59 -0.51 -3.45
N VAL A 171 -2.93 -0.53 -3.49
CA VAL A 171 -3.70 -1.76 -3.53
C VAL A 171 -4.31 -1.77 -4.92
N LEU A 172 -3.87 -2.74 -5.73
CA LEU A 172 -4.24 -2.86 -7.14
C LEU A 172 -5.33 -3.86 -7.36
N VAL A 173 -6.20 -3.57 -8.33
CA VAL A 173 -7.35 -4.39 -8.69
C VAL A 173 -7.04 -5.33 -9.89
N GLU A 174 -6.97 -6.65 -9.62
CA GLU A 174 -6.74 -7.67 -10.68
C GLU A 174 -8.06 -7.84 -11.45
N SER A 175 -9.16 -7.91 -10.68
CA SER A 175 -10.53 -8.06 -11.15
C SER A 175 -11.45 -7.58 -10.02
N GLU A 176 -12.78 -7.57 -10.23
CA GLU A 176 -13.74 -7.14 -9.23
C GLU A 176 -13.70 -8.02 -7.95
N HIS A 177 -13.18 -9.26 -8.06
CA HIS A 177 -13.09 -10.19 -6.93
C HIS A 177 -11.69 -10.24 -6.30
N GLN A 178 -10.66 -9.68 -6.93
CA GLN A 178 -9.31 -9.77 -6.37
C GLN A 178 -8.46 -8.52 -6.40
N VAL A 179 -7.80 -8.28 -5.26
CA VAL A 179 -6.86 -7.15 -5.09
C VAL A 179 -5.46 -7.69 -4.75
N LYS A 180 -4.42 -6.88 -4.96
CA LYS A 180 -3.01 -7.24 -4.66
C LYS A 180 -2.27 -6.02 -4.16
N ILE A 181 -1.38 -6.23 -3.18
CA ILE A 181 -0.51 -5.15 -2.69
C ILE A 181 0.48 -4.97 -3.83
N GLY A 182 0.55 -3.74 -4.35
CA GLY A 182 1.26 -3.47 -5.59
C GLY A 182 2.46 -2.55 -5.63
N ASP A 183 2.94 -2.11 -4.46
CA ASP A 183 4.15 -1.30 -4.41
C ASP A 183 4.94 -1.61 -3.14
N PHE A 184 6.28 -1.71 -3.24
CA PHE A 184 7.17 -2.07 -2.14
C PHE A 184 8.35 -1.11 -2.05
N GLY A 185 8.15 0.12 -2.54
CA GLY A 185 9.17 1.18 -2.58
C GLY A 185 9.76 1.59 -1.24
N LEU A 186 8.97 1.46 -0.14
CA LEU A 186 9.43 1.85 1.20
C LEU A 186 9.64 0.64 2.14
N THR A 187 9.46 -0.61 1.62
CA THR A 187 9.53 -1.84 2.39
C THR A 187 10.93 -2.08 2.97
N LYS A 188 10.99 -2.43 4.27
CA LYS A 188 12.26 -2.71 4.95
C LYS A 188 12.16 -4.07 5.61
N ALA A 189 13.32 -4.71 5.76
CA ALA A 189 13.45 -5.99 6.41
C ALA A 189 13.79 -5.71 7.86
N ILE A 190 13.03 -6.32 8.79
CA ILE A 190 13.30 -6.22 10.22
C ILE A 190 14.39 -7.26 10.49
N GLU A 191 15.46 -6.84 11.14
CA GLU A 191 16.55 -7.75 11.49
C GLU A 191 16.05 -8.87 12.45
N THR A 192 16.65 -10.08 12.36
CA THR A 192 16.26 -11.20 13.22
C THR A 192 16.43 -10.81 14.71
N ASP A 193 15.46 -11.20 15.55
CA ASP A 193 15.42 -10.92 16.99
C ASP A 193 15.21 -9.43 17.32
N LYS A 194 14.72 -8.65 16.33
CA LYS A 194 14.36 -7.25 16.46
C LYS A 194 12.83 -7.20 16.23
N GLU A 195 12.16 -6.18 16.79
CA GLU A 195 10.71 -6.01 16.68
C GLU A 195 10.37 -4.89 15.70
N THR A 198 14.32 0.94 12.19
CA THR A 198 14.42 2.40 12.41
C THR A 198 14.81 3.06 11.07
N VAL A 199 13.98 3.98 10.54
CA VAL A 199 14.32 4.69 9.30
C VAL A 199 15.39 5.79 9.59
N LYS A 200 16.51 5.79 8.85
CA LYS A 200 17.62 6.74 9.06
C LYS A 200 17.73 7.83 7.97
N ASP A 201 16.88 7.80 6.93
CA ASP A 201 16.96 8.68 5.77
C ASP A 201 16.19 10.02 5.86
N ASP A 202 16.37 10.83 4.79
CA ASP A 202 15.81 12.14 4.50
C ASP A 202 14.63 12.02 3.47
N ARG A 203 14.07 10.82 3.29
CA ARG A 203 12.98 10.58 2.33
C ARG A 203 11.64 11.08 2.84
N ASP A 204 10.70 11.34 1.91
CA ASP A 204 9.31 11.76 2.20
C ASP A 204 8.55 10.53 2.68
N SER A 205 7.49 10.74 3.48
CA SER A 205 6.75 9.60 3.99
C SER A 205 5.23 9.87 4.11
N PRO A 206 4.37 8.84 3.94
CA PRO A 206 2.90 9.05 4.06
C PRO A 206 2.46 9.19 5.54
N VAL A 207 2.80 10.34 6.16
CA VAL A 207 2.54 10.66 7.57
C VAL A 207 1.06 10.44 8.00
N PHE A 208 0.09 10.71 7.10
CA PHE A 208 -1.34 10.53 7.41
C PHE A 208 -1.78 9.06 7.53
N TRP A 209 -0.91 8.10 7.18
CA TRP A 209 -1.19 6.68 7.31
C TRP A 209 -0.28 6.08 8.39
N TYR A 210 0.47 6.94 9.11
CA TYR A 210 1.48 6.49 10.07
C TYR A 210 1.05 6.41 11.53
N ALA A 211 1.50 5.34 12.20
CA ALA A 211 1.26 5.11 13.61
C ALA A 211 2.10 6.07 14.48
N PRO A 212 1.68 6.35 15.76
CA PRO A 212 2.47 7.26 16.61
C PRO A 212 3.96 6.93 16.73
N GLU A 213 4.35 5.64 16.86
CA GLU A 213 5.78 5.28 16.99
C GLU A 213 6.61 5.65 15.73
N CYS A 214 5.96 5.64 14.56
CA CYS A 214 6.56 5.99 13.27
C CYS A 214 6.79 7.50 13.27
N LEU A 215 5.77 8.25 13.69
CA LEU A 215 5.81 9.70 13.73
C LEU A 215 6.74 10.24 14.78
N MET A 216 6.77 9.63 15.96
CA MET A 216 7.57 10.12 17.07
C MET A 216 9.01 9.63 17.09
N GLN A 217 9.26 8.38 16.68
CA GLN A 217 10.60 7.79 16.80
C GLN A 217 11.13 7.20 15.51
N SER A 218 10.38 7.31 14.39
CA SER A 218 10.78 6.72 13.10
C SER A 218 10.98 5.18 13.21
N LYS A 219 10.22 4.54 14.12
CA LYS A 219 10.27 3.11 14.36
C LYS A 219 9.12 2.42 13.66
N PHE A 220 9.44 1.38 12.89
CA PHE A 220 8.42 0.66 12.11
C PHE A 220 8.37 -0.80 12.51
N TYR A 221 7.24 -1.19 13.13
CA TYR A 221 6.91 -2.54 13.61
C TYR A 221 5.89 -3.15 12.65
N ILE A 222 5.65 -4.45 12.77
CA ILE A 222 4.54 -5.07 12.01
C ILE A 222 3.21 -4.40 12.45
N ALA A 223 3.10 -4.04 13.74
CA ALA A 223 1.94 -3.33 14.31
C ALA A 223 1.75 -1.94 13.65
N SER A 224 2.83 -1.33 13.12
CA SER A 224 2.78 -0.06 12.36
C SER A 224 2.01 -0.28 11.04
N ASP A 225 2.24 -1.43 10.36
CA ASP A 225 1.49 -1.76 9.13
C ASP A 225 -0.01 -2.02 9.45
N VAL A 226 -0.31 -2.58 10.64
CA VAL A 226 -1.70 -2.82 11.07
C VAL A 226 -2.42 -1.44 11.14
N TRP A 227 -1.78 -0.44 11.73
CA TRP A 227 -2.33 0.93 11.83
C TRP A 227 -2.64 1.49 10.45
N SER A 228 -1.66 1.43 9.52
CA SER A 228 -1.82 1.84 8.11
C SER A 228 -2.96 1.09 7.42
N PHE A 229 -3.13 -0.21 7.73
CA PHE A 229 -4.23 -1.02 7.20
C PHE A 229 -5.55 -0.39 7.65
N GLY A 230 -5.65 -0.02 8.94
CA GLY A 230 -6.82 0.61 9.54
C GLY A 230 -7.25 1.84 8.74
N VAL A 231 -6.25 2.66 8.36
CA VAL A 231 -6.41 3.87 7.56
C VAL A 231 -6.85 3.47 6.13
N THR A 232 -6.25 2.39 5.54
CA THR A 232 -6.56 1.90 4.21
C THR A 232 -8.00 1.39 4.16
N LEU A 233 -8.44 0.73 5.24
CA LEU A 233 -9.81 0.21 5.38
C LEU A 233 -10.77 1.38 5.41
N HIS A 234 -10.41 2.46 6.10
CA HIS A 234 -11.24 3.68 6.15
C HIS A 234 -11.48 4.20 4.71
N GLU A 235 -10.39 4.33 3.89
CA GLU A 235 -10.45 4.78 2.48
C GLU A 235 -11.37 3.88 1.64
N LEU A 236 -11.18 2.55 1.75
CA LEU A 236 -11.95 1.52 1.05
C LEU A 236 -13.46 1.64 1.38
N LEU A 237 -13.80 1.90 2.66
CA LEU A 237 -15.19 2.05 3.09
C LEU A 237 -15.82 3.36 2.64
N THR A 238 -15.00 4.40 2.41
CA THR A 238 -15.50 5.69 1.90
C THR A 238 -15.38 5.73 0.36
N TYR A 239 -15.05 4.57 -0.30
CA TYR A 239 -14.87 4.45 -1.76
C TYR A 239 -13.82 5.45 -2.27
N CYS A 240 -12.75 5.67 -1.47
CA CYS A 240 -11.63 6.58 -1.73
C CYS A 240 -12.08 7.98 -2.16
N ASP A 241 -13.14 8.49 -1.49
CA ASP A 241 -13.68 9.82 -1.73
C ASP A 241 -12.63 10.81 -1.31
N SER A 242 -12.23 11.72 -2.23
CA SER A 242 -11.19 12.73 -2.05
C SER A 242 -11.40 13.64 -0.83
N ASP A 243 -12.64 14.04 -0.58
CA ASP A 243 -13.02 14.91 0.55
C ASP A 243 -12.99 14.18 1.88
N SER A 244 -12.98 12.82 1.84
CA SER A 244 -12.94 12.01 3.05
C SER A 244 -11.57 11.35 3.28
N SER A 245 -10.55 11.69 2.45
CA SER A 245 -9.19 11.16 2.60
C SER A 245 -8.56 11.53 3.97
N PRO A 246 -7.63 10.68 4.51
CA PRO A 246 -6.97 11.02 5.79
C PRO A 246 -6.35 12.42 5.83
N MET A 247 -5.65 12.81 4.74
CA MET A 247 -5.05 14.14 4.60
C MET A 247 -6.13 15.23 4.69
N ALA A 248 -7.27 15.07 3.97
CA ALA A 248 -8.37 16.07 3.98
C ALA A 248 -9.03 16.13 5.34
N LEU A 249 -9.34 14.98 5.95
CA LEU A 249 -9.99 14.90 7.27
C LEU A 249 -9.11 15.48 8.37
N PHE A 250 -7.88 14.96 8.47
CA PHE A 250 -6.90 15.41 9.47
C PHE A 250 -6.57 16.89 9.28
N LEU A 251 -6.48 17.38 8.03
CA LEU A 251 -6.23 18.81 7.77
C LEU A 251 -7.40 19.71 8.18
N LYS A 252 -8.65 19.20 8.13
CA LYS A 252 -9.82 19.96 8.58
C LYS A 252 -9.90 19.93 10.12
N MET A 253 -9.21 18.96 10.77
CA MET A 253 -9.12 18.82 12.24
C MET A 253 -8.03 19.80 12.70
N ILE A 254 -6.77 19.59 12.21
CA ILE A 254 -5.56 20.36 12.49
C ILE A 254 -5.68 21.85 12.06
N GLY A 255 -5.98 22.10 10.78
CA GLY A 255 -6.09 23.45 10.21
C GLY A 255 -4.86 23.81 9.37
N PRO A 256 -4.65 25.12 9.03
CA PRO A 256 -3.44 25.51 8.27
C PRO A 256 -2.21 25.11 9.08
N THR A 257 -1.39 24.17 8.55
CA THR A 257 -0.32 23.59 9.36
C THR A 257 1.15 23.79 8.90
N HIS A 258 1.43 23.83 7.57
CA HIS A 258 2.81 23.94 7.01
C HIS A 258 3.57 22.61 7.15
N GLY A 259 4.30 22.24 6.09
CA GLY A 259 5.09 21.02 6.01
C GLY A 259 5.93 20.67 7.23
N GLN A 260 6.51 21.68 7.92
CA GLN A 260 7.36 21.52 9.10
C GLN A 260 6.57 21.06 10.32
N MET A 261 5.40 21.67 10.55
CA MET A 261 4.58 21.46 11.75
C MET A 261 3.48 20.42 11.63
N THR A 262 3.27 19.81 10.43
CA THR A 262 2.24 18.78 10.19
C THR A 262 2.33 17.59 11.19
N VAL A 263 3.54 16.98 11.31
CA VAL A 263 3.81 15.82 12.15
C VAL A 263 3.54 16.08 13.65
N THR A 264 4.05 17.20 14.23
CA THR A 264 3.81 17.49 15.65
C THR A 264 2.32 17.66 15.97
N ARG A 265 1.55 18.29 15.08
CA ARG A 265 0.10 18.48 15.29
C ARG A 265 -0.68 17.18 15.14
N LEU A 266 -0.26 16.36 14.18
CA LEU A 266 -0.78 15.03 13.92
C LEU A 266 -0.60 14.18 15.16
N VAL A 267 0.64 14.13 15.72
CA VAL A 267 0.98 13.40 16.95
C VAL A 267 0.10 13.90 18.10
N ASN A 268 0.02 15.25 18.29
CA ASN A 268 -0.82 15.84 19.32
C ASN A 268 -2.29 15.39 19.21
N THR A 269 -2.88 15.43 17.98
CA THR A 269 -4.24 14.98 17.67
C THR A 269 -4.44 13.52 18.11
N LEU A 270 -3.48 12.63 17.80
CA LEU A 270 -3.51 11.19 18.12
C LEU A 270 -3.34 10.93 19.62
N LYS A 271 -2.42 11.67 20.29
CA LYS A 271 -2.20 11.63 21.74
C LYS A 271 -3.50 11.95 22.49
N GLU A 272 -4.28 12.94 22.00
CA GLU A 272 -5.57 13.34 22.58
C GLU A 272 -6.64 12.24 22.42
N GLY A 273 -6.34 11.22 21.63
CA GLY A 273 -7.23 10.09 21.40
C GLY A 273 -8.16 10.25 20.22
N LYS A 274 -7.95 11.29 19.40
CA LYS A 274 -8.73 11.50 18.18
C LYS A 274 -8.30 10.49 17.11
N ARG A 275 -9.30 10.00 16.36
CA ARG A 275 -9.16 9.01 15.28
C ARG A 275 -10.09 9.39 14.11
N LEU A 276 -9.90 8.74 12.93
CA LEU A 276 -10.78 8.97 11.76
C LEU A 276 -12.19 8.49 12.11
N PRO A 277 -13.25 9.26 11.78
CA PRO A 277 -14.61 8.84 12.17
C PRO A 277 -15.12 7.60 11.42
N CYS A 278 -16.18 6.99 11.93
CA CYS A 278 -16.82 5.85 11.30
C CYS A 278 -17.35 6.30 9.92
N PRO A 279 -16.88 5.69 8.80
CA PRO A 279 -17.39 6.10 7.47
C PRO A 279 -18.92 5.98 7.38
N PRO A 280 -19.61 6.72 6.49
CA PRO A 280 -21.08 6.55 6.41
C PRO A 280 -21.44 5.12 5.97
N ASN A 281 -22.46 4.53 6.64
CA ASN A 281 -22.98 3.18 6.36
C ASN A 281 -22.00 2.04 6.74
N CYS A 282 -20.99 2.33 7.58
CA CYS A 282 -20.05 1.32 8.07
C CYS A 282 -20.68 0.74 9.34
N PRO A 283 -20.90 -0.58 9.41
CA PRO A 283 -21.53 -1.15 10.62
C PRO A 283 -20.56 -1.09 11.78
N ASP A 284 -21.09 -1.01 13.01
CA ASP A 284 -20.26 -0.92 14.21
C ASP A 284 -19.20 -2.02 14.30
N GLU A 285 -19.58 -3.27 13.97
CA GLU A 285 -18.71 -4.45 13.99
C GLU A 285 -17.45 -4.26 13.14
N VAL A 286 -17.60 -3.59 11.99
CA VAL A 286 -16.49 -3.28 11.09
C VAL A 286 -15.63 -2.16 11.70
N TYR A 287 -16.27 -1.09 12.21
CA TYR A 287 -15.55 0.02 12.84
C TYR A 287 -14.76 -0.42 14.08
N GLN A 288 -15.28 -1.43 14.81
CA GLN A 288 -14.62 -1.97 15.98
C GLN A 288 -13.28 -2.61 15.62
N LEU A 289 -13.23 -3.37 14.52
CA LEU A 289 -11.99 -3.98 14.02
C LEU A 289 -11.01 -2.89 13.58
N MET A 290 -11.52 -1.83 12.90
CA MET A 290 -10.76 -0.65 12.47
C MET A 290 -10.09 0.05 13.68
N ARG A 291 -10.84 0.22 14.79
CA ARG A 291 -10.34 0.84 16.05
C ARG A 291 -9.27 -0.02 16.74
N LYS A 292 -9.33 -1.35 16.56
CA LYS A 292 -8.33 -2.27 17.08
C LYS A 292 -6.96 -2.05 16.36
N CYS A 293 -6.97 -1.43 15.16
CA CYS A 293 -5.75 -1.11 14.40
C CYS A 293 -5.14 0.19 14.94
N TRP A 294 -5.94 1.05 15.58
CA TRP A 294 -5.55 2.39 16.04
C TRP A 294 -5.30 2.56 17.55
N GLU A 295 -4.91 1.47 18.24
CA GLU A 295 -4.50 1.59 19.65
C GLU A 295 -3.18 2.35 19.63
N PHE A 296 -3.02 3.37 20.50
CA PHE A 296 -1.83 4.22 20.59
C PHE A 296 -0.56 3.38 20.70
N GLN A 297 -0.59 2.35 21.56
CA GLN A 297 0.57 1.47 21.76
C GLN A 297 0.57 0.33 20.75
N PRO A 298 1.72 0.11 20.06
CA PRO A 298 1.78 -1.00 19.09
C PRO A 298 1.43 -2.40 19.64
N SER A 299 1.90 -2.72 20.88
CA SER A 299 1.65 -4.00 21.58
C SER A 299 0.15 -4.28 21.91
N ASN A 300 -0.71 -3.24 21.87
CA ASN A 300 -2.14 -3.38 22.14
C ASN A 300 -2.99 -3.57 20.88
N ARG A 301 -2.40 -3.34 19.68
CA ARG A 301 -3.12 -3.46 18.41
C ARG A 301 -3.37 -4.93 18.04
N THR A 302 -4.42 -5.14 17.23
CA THR A 302 -4.78 -6.44 16.67
C THR A 302 -3.67 -6.95 15.73
N SER A 303 -3.64 -8.26 15.44
CA SER A 303 -2.67 -8.82 14.48
C SER A 303 -3.37 -8.92 13.10
N PHE A 304 -2.65 -9.23 12.01
CA PHE A 304 -3.31 -9.34 10.70
C PHE A 304 -4.18 -10.62 10.65
N GLN A 305 -3.72 -11.69 11.31
CA GLN A 305 -4.43 -12.96 11.41
C GLN A 305 -5.73 -12.81 12.19
N ASN A 306 -5.73 -12.01 13.27
CA ASN A 306 -6.95 -11.74 14.03
C ASN A 306 -7.94 -10.94 13.17
N LEU A 307 -7.43 -10.01 12.33
CA LEU A 307 -8.23 -9.24 11.37
C LEU A 307 -8.90 -10.14 10.34
N ILE A 308 -8.14 -11.10 9.73
CA ILE A 308 -8.66 -12.08 8.74
C ILE A 308 -9.87 -12.83 9.33
N GLU A 309 -9.69 -13.42 10.51
CA GLU A 309 -10.70 -14.20 11.24
C GLU A 309 -11.92 -13.33 11.52
N GLY A 310 -11.67 -12.10 12.00
CA GLY A 310 -12.67 -11.08 12.29
C GLY A 310 -13.53 -10.71 11.09
N PHE A 311 -12.90 -10.44 9.92
CA PHE A 311 -13.67 -10.12 8.72
C PHE A 311 -14.41 -11.35 8.16
N GLU A 312 -13.76 -12.53 8.18
CA GLU A 312 -14.40 -13.78 7.72
C GLU A 312 -15.61 -14.16 8.54
N ALA A 313 -15.63 -13.82 9.87
CA ALA A 313 -16.79 -14.09 10.75
C ALA A 313 -18.03 -13.28 10.31
N LEU A 314 -17.78 -12.14 9.61
CA LEU A 314 -18.80 -11.23 9.11
C LEU A 314 -19.29 -11.57 7.70
N LEU A 315 -18.54 -12.40 6.99
CA LEU A 315 -18.89 -12.77 5.62
C LEU A 315 -19.75 -14.00 5.62
N LYS A 316 -21.01 -13.86 5.16
CA LYS A 316 -22.01 -14.93 5.13
C LYS A 316 -22.37 -15.29 3.70
#